data_6T77
#
_entry.id   6T77
#
_cell.length_a   68.723
_cell.length_b   118.842
_cell.length_c   119.759
_cell.angle_alpha   90.000
_cell.angle_beta   90.000
_cell.angle_gamma   90.000
#
_symmetry.space_group_name_H-M   'C 2 2 21'
#
loop_
_entity.id
_entity.type
_entity.pdbx_description
1 polymer '3-oxoacyl-ACP reductase'
2 non-polymer 'NADP NICOTINAMIDE-ADENINE-DINUCLEOTIDE PHOSPHATE'
3 water water
#
_entity_poly.entity_id   1
_entity_poly.type   'polypeptide(L)'
_entity_poly.pdbx_seq_one_letter_code
;SMSFEGKIALVTGASRGIGRAIAETLVARGAKVIGTATSESGAQAISDYLGANGKGLMLNVTDPASIESVLENVRAEFGE
VDILVNNAGITRDNLLMRMKDDEWNDIIETNLSSVFRLSKAVMRAMMKKRHGRIITIGSVVGTMGNAGQANYAAAKAGLI
GFSKSLAREVASRGITVNVVAPGFIETDMTRALTDEQRAGTLAAVPAGRLGTPNEIASAVAFLASDEASYITGETLHVNG
GMYMV
;
_entity_poly.pdbx_strand_id   A,B
#
# COMPACT_ATOMS: atom_id res chain seq x y z
N MET A 2 -30.02 -2.13 -12.25
CA MET A 2 -28.99 -1.84 -13.32
C MET A 2 -28.95 -0.42 -13.92
N SER A 3 -30.03 0.34 -13.73
CA SER A 3 -30.08 1.77 -14.10
C SER A 3 -29.59 2.79 -13.04
N PHE A 4 -28.91 3.81 -13.53
CA PHE A 4 -28.37 4.89 -12.75
C PHE A 4 -29.13 6.19 -12.95
N GLU A 5 -30.41 6.12 -13.32
CA GLU A 5 -31.12 7.36 -13.62
C GLU A 5 -31.17 8.22 -12.39
N GLY A 6 -30.77 9.47 -12.49
CA GLY A 6 -30.74 10.34 -11.34
C GLY A 6 -29.49 10.30 -10.49
N LYS A 7 -28.50 9.50 -10.88
CA LYS A 7 -27.25 9.43 -10.13
C LYS A 7 -26.22 10.30 -10.83
N ILE A 8 -25.33 10.83 -10.03
CA ILE A 8 -24.24 11.65 -10.49
C ILE A 8 -22.96 10.87 -10.23
N ALA A 9 -22.17 10.64 -11.27
CA ALA A 9 -20.86 9.97 -11.11
C ALA A 9 -19.72 10.94 -11.44
N LEU A 10 -18.63 10.83 -10.71
CA LEU A 10 -17.41 11.58 -11.02
C LEU A 10 -16.34 10.51 -11.35
N VAL A 11 -15.76 10.62 -12.54
CA VAL A 11 -14.74 9.68 -13.01
C VAL A 11 -13.44 10.47 -13.26
N THR A 12 -12.44 10.28 -12.40
CA THR A 12 -11.19 11.00 -12.53
C THR A 12 -10.37 10.36 -13.66
N GLY A 13 -9.67 11.16 -14.43
CA GLY A 13 -8.84 10.64 -15.52
C GLY A 13 -9.66 9.98 -16.65
N ALA A 14 -10.59 10.72 -17.22
CA ALA A 14 -11.55 10.18 -18.14
C ALA A 14 -11.28 10.49 -19.62
N SER A 15 -10.06 10.92 -19.92
CA SER A 15 -9.73 11.39 -21.30
C SER A 15 -9.83 10.28 -22.33
N ARG A 16 -9.38 9.11 -21.96
CA ARG A 16 -9.19 8.00 -22.90
C ARG A 16 -9.18 6.67 -22.16
N GLY A 17 -8.99 5.58 -22.94
CA GLY A 17 -8.79 4.27 -22.41
C GLY A 17 -9.87 3.88 -21.41
N ILE A 18 -9.40 3.36 -20.27
CA ILE A 18 -10.28 2.84 -19.27
C ILE A 18 -11.21 3.91 -18.71
N GLY A 19 -10.67 5.07 -18.37
CA GLY A 19 -11.53 6.12 -17.76
C GLY A 19 -12.66 6.61 -18.72
N ARG A 20 -12.35 6.76 -20.02
CA ARG A 20 -13.37 7.11 -20.99
C ARG A 20 -14.44 6.02 -21.11
N ALA A 21 -14.01 4.76 -21.13
CA ALA A 21 -14.96 3.67 -21.28
C ALA A 21 -15.91 3.58 -20.07
N ILE A 22 -15.33 3.83 -18.89
CA ILE A 22 -16.14 3.92 -17.67
C ILE A 22 -17.19 5.05 -17.80
N ALA A 23 -16.73 6.24 -18.17
CA ALA A 23 -17.65 7.38 -18.35
C ALA A 23 -18.78 7.09 -19.34
N GLU A 24 -18.40 6.54 -20.51
CA GLU A 24 -19.42 6.24 -21.52
C GLU A 24 -20.43 5.19 -21.10
N THR A 25 -19.93 4.18 -20.40
CA THR A 25 -20.77 3.09 -19.91
C THR A 25 -21.80 3.60 -18.84
N LEU A 26 -21.33 4.44 -17.93
CA LEU A 26 -22.24 5.03 -16.90
C LEU A 26 -23.31 5.93 -17.55
N VAL A 27 -22.93 6.67 -18.60
CA VAL A 27 -23.89 7.41 -19.40
C VAL A 27 -24.93 6.44 -19.99
N ALA A 28 -24.45 5.39 -20.62
CA ALA A 28 -25.33 4.42 -21.28
C ALA A 28 -26.32 3.80 -20.28
N ARG A 29 -25.98 3.79 -19.00
CA ARG A 29 -26.91 3.30 -17.99
C ARG A 29 -27.74 4.33 -17.25
N GLY A 30 -27.69 5.58 -17.70
CA GLY A 30 -28.55 6.62 -17.21
C GLY A 30 -27.92 7.63 -16.28
N ALA A 31 -26.63 7.51 -15.97
CA ALA A 31 -26.01 8.48 -15.02
C ALA A 31 -25.69 9.78 -15.72
N LYS A 32 -25.63 10.87 -14.94
CA LYS A 32 -24.97 12.08 -15.37
C LYS A 32 -23.50 11.97 -14.94
N VAL A 33 -22.58 12.19 -15.85
CA VAL A 33 -21.18 11.88 -15.62
C VAL A 33 -20.33 13.10 -15.74
N ILE A 34 -19.51 13.34 -14.73
CA ILE A 34 -18.45 14.34 -14.76
C ILE A 34 -17.10 13.63 -14.90
N GLY A 35 -16.46 13.82 -16.06
CA GLY A 35 -15.12 13.22 -16.29
C GLY A 35 -14.04 14.28 -16.14
N THR A 36 -12.84 13.92 -15.67
CA THR A 36 -11.78 14.89 -15.51
C THR A 36 -10.51 14.59 -16.29
N ALA A 37 -9.80 15.67 -16.57
CA ALA A 37 -8.47 15.67 -17.19
C ALA A 37 -7.62 16.73 -16.52
N THR A 38 -6.32 16.74 -16.78
CA THR A 38 -5.41 17.69 -16.10
C THR A 38 -5.23 19.01 -16.82
N SER A 39 -5.82 19.19 -18.00
CA SER A 39 -5.76 20.46 -18.76
C SER A 39 -7.15 20.88 -19.19
N GLU A 40 -7.30 22.14 -19.53
CA GLU A 40 -8.58 22.68 -20.04
C GLU A 40 -8.99 22.15 -21.40
N SER A 41 -8.03 21.79 -22.23
CA SER A 41 -8.33 21.18 -23.53
C SER A 41 -8.74 19.72 -23.35
N GLY A 42 -8.05 19.01 -22.47
CA GLY A 42 -8.47 17.65 -22.11
C GLY A 42 -9.90 17.60 -21.55
N ALA A 43 -10.23 18.54 -20.69
CA ALA A 43 -11.56 18.65 -20.13
C ALA A 43 -12.58 18.95 -21.24
N GLN A 44 -12.22 19.79 -22.19
CA GLN A 44 -13.13 20.09 -23.29
C GLN A 44 -13.37 18.88 -24.17
N ALA A 45 -12.34 18.05 -24.40
CA ALA A 45 -12.51 16.82 -25.18
C ALA A 45 -13.46 15.84 -24.47
N ILE A 46 -13.42 15.84 -23.14
CA ILE A 46 -14.37 15.06 -22.35
C ILE A 46 -15.80 15.61 -22.51
N SER A 47 -15.97 16.92 -22.39
CA SER A 47 -17.27 17.55 -22.65
C SER A 47 -17.80 17.20 -24.02
N ASP A 48 -16.92 17.15 -25.03
CA ASP A 48 -17.36 16.82 -26.40
C ASP A 48 -17.96 15.41 -26.50
N TYR A 49 -17.34 14.41 -25.87
CA TYR A 49 -17.92 13.08 -25.96
C TYR A 49 -19.11 12.88 -25.02
N LEU A 50 -19.14 13.57 -23.87
CA LEU A 50 -20.27 13.43 -22.96
C LEU A 50 -21.52 14.13 -23.42
N GLY A 51 -21.35 15.25 -24.13
CA GLY A 51 -22.47 16.07 -24.63
C GLY A 51 -23.46 16.44 -23.55
N ALA A 52 -24.74 16.12 -23.79
CA ALA A 52 -25.84 16.46 -22.90
C ALA A 52 -25.84 15.64 -21.63
N ASN A 53 -25.06 14.55 -21.55
CA ASN A 53 -25.13 13.66 -20.37
C ASN A 53 -24.03 13.85 -19.36
N GLY A 54 -23.35 15.01 -19.41
CA GLY A 54 -22.34 15.30 -18.45
C GLY A 54 -21.44 16.42 -18.87
N LYS A 55 -20.25 16.46 -18.29
CA LYS A 55 -19.27 17.48 -18.65
C LYS A 55 -17.90 17.06 -18.25
N GLY A 56 -16.93 17.71 -18.89
CA GLY A 56 -15.53 17.58 -18.53
C GLY A 56 -15.04 18.73 -17.66
N LEU A 57 -14.20 18.44 -16.69
CA LEU A 57 -13.55 19.49 -15.87
C LEU A 57 -12.08 19.19 -15.69
N MET A 58 -11.31 20.25 -15.50
CA MET A 58 -9.91 20.12 -15.19
C MET A 58 -9.75 19.83 -13.67
N LEU A 59 -9.07 18.76 -13.36
CA LEU A 59 -8.78 18.36 -11.98
C LEU A 59 -7.36 17.89 -11.86
N ASN A 60 -6.68 18.36 -10.84
CA ASN A 60 -5.43 17.80 -10.38
C ASN A 60 -5.73 17.11 -9.02
N VAL A 61 -5.68 15.79 -8.99
CA VAL A 61 -6.05 15.04 -7.81
C VAL A 61 -5.02 15.16 -6.67
N THR A 62 -3.86 15.80 -6.94
CA THR A 62 -2.89 16.07 -5.87
C THR A 62 -3.07 17.42 -5.22
N ASP A 63 -4.01 18.21 -5.73
CA ASP A 63 -4.17 19.55 -5.23
C ASP A 63 -5.55 19.67 -4.56
N PRO A 64 -5.57 19.81 -3.22
CA PRO A 64 -6.88 19.94 -2.56
C PRO A 64 -7.74 21.11 -3.03
N ALA A 65 -7.13 22.22 -3.44
CA ALA A 65 -7.91 23.34 -3.94
C ALA A 65 -8.62 22.98 -5.27
N SER A 66 -7.95 22.23 -6.13
CA SER A 66 -8.53 21.77 -7.41
C SER A 66 -9.71 20.81 -7.10
N ILE A 67 -9.52 19.90 -6.13
CA ILE A 67 -10.57 18.94 -5.78
C ILE A 67 -11.81 19.72 -5.32
N GLU A 68 -11.59 20.66 -4.42
CA GLU A 68 -12.71 21.39 -3.89
C GLU A 68 -13.42 22.26 -4.93
N SER A 69 -12.67 22.91 -5.79
CA SER A 69 -13.25 23.68 -6.89
C SER A 69 -14.09 22.82 -7.86
N VAL A 70 -13.59 21.66 -8.20
CA VAL A 70 -14.35 20.72 -9.05
C VAL A 70 -15.63 20.24 -8.39
N LEU A 71 -15.55 19.85 -7.12
CA LEU A 71 -16.76 19.42 -6.42
C LEU A 71 -17.78 20.52 -6.25
N GLU A 72 -17.35 21.73 -5.97
CA GLU A 72 -18.32 22.85 -5.89
C GLU A 72 -18.99 23.14 -7.21
N ASN A 73 -18.25 23.01 -8.32
CA ASN A 73 -18.84 23.15 -9.67
C ASN A 73 -19.88 22.06 -9.92
N VAL A 74 -19.52 20.81 -9.60
CA VAL A 74 -20.44 19.68 -9.75
C VAL A 74 -21.69 19.91 -8.91
N ARG A 75 -21.51 20.29 -7.64
CA ARG A 75 -22.66 20.54 -6.76
C ARG A 75 -23.61 21.65 -7.26
N ALA A 76 -23.06 22.71 -7.85
CA ALA A 76 -23.89 23.79 -8.37
C ALA A 76 -24.69 23.39 -9.59
N GLU A 77 -24.06 22.66 -10.51
CA GLU A 77 -24.64 22.34 -11.81
C GLU A 77 -25.47 21.05 -11.79
N PHE A 78 -25.00 20.01 -11.11
CA PHE A 78 -25.65 18.69 -11.12
C PHE A 78 -26.20 18.24 -9.77
N GLY A 79 -25.43 18.39 -8.70
CA GLY A 79 -25.84 17.94 -7.37
C GLY A 79 -24.71 17.17 -6.75
N GLU A 80 -24.99 16.40 -5.70
CA GLU A 80 -23.96 15.68 -4.99
C GLU A 80 -23.50 14.42 -5.73
N VAL A 81 -22.22 14.08 -5.60
CA VAL A 81 -21.69 12.88 -6.22
C VAL A 81 -22.24 11.61 -5.51
N ASP A 82 -22.83 10.72 -6.29
CA ASP A 82 -23.33 9.40 -5.79
C ASP A 82 -22.31 8.25 -6.01
N ILE A 83 -21.49 8.39 -7.05
CA ILE A 83 -20.57 7.34 -7.51
C ILE A 83 -19.24 8.03 -7.78
N LEU A 84 -18.20 7.62 -7.05
CA LEU A 84 -16.85 8.12 -7.32
C LEU A 84 -16.06 7.00 -7.94
N VAL A 85 -15.43 7.26 -9.08
CA VAL A 85 -14.54 6.28 -9.74
C VAL A 85 -13.15 6.95 -9.80
N ASN A 86 -12.23 6.44 -8.99
CA ASN A 86 -10.84 6.92 -8.93
C ASN A 86 -10.05 6.16 -10.00
N ASN A 87 -9.90 6.77 -11.15
CA ASN A 87 -9.12 6.20 -12.31
C ASN A 87 -7.82 6.91 -12.57
N ALA A 88 -7.68 8.12 -12.10
CA ALA A 88 -6.48 8.92 -12.34
C ALA A 88 -5.26 8.24 -11.80
N GLY A 89 -4.18 8.20 -12.58
CA GLY A 89 -2.96 7.56 -12.11
C GLY A 89 -1.86 7.74 -13.12
N ILE A 90 -0.63 7.62 -12.65
CA ILE A 90 0.55 7.78 -13.50
C ILE A 90 1.57 6.67 -13.20
N THR A 91 2.54 6.50 -14.06
CA THR A 91 3.63 5.57 -13.79
C THR A 91 4.93 6.34 -13.94
N ARG A 92 5.91 5.98 -13.12
CA ARG A 92 7.29 6.47 -13.29
C ARG A 92 8.21 5.28 -12.99
N ASP A 93 8.38 4.42 -13.98
CA ASP A 93 9.10 3.16 -13.78
C ASP A 93 10.59 3.32 -13.65
N ASN A 94 11.20 2.52 -12.76
CA ASN A 94 12.64 2.42 -12.65
C ASN A 94 12.92 1.30 -11.65
N LEU A 95 14.00 0.55 -11.89
CA LEU A 95 14.54 -0.33 -10.86
C LEU A 95 14.90 0.50 -9.61
N LEU A 96 14.82 -0.10 -8.43
CA LEU A 96 14.97 0.63 -7.18
C LEU A 96 16.23 1.52 -7.18
N MET A 97 17.37 0.99 -7.60
CA MET A 97 18.60 1.77 -7.59
C MET A 97 18.58 3.02 -8.46
N ARG A 98 17.75 3.02 -9.49
CA ARG A 98 17.66 4.19 -10.37
C ARG A 98 16.47 5.09 -9.99
N MET A 99 15.62 4.66 -9.06
CA MET A 99 14.38 5.36 -8.76
C MET A 99 14.64 6.63 -7.93
N LYS A 100 14.36 7.79 -8.51
CA LYS A 100 14.57 9.07 -7.86
C LYS A 100 13.51 9.29 -6.79
N ASP A 101 13.87 10.11 -5.81
CA ASP A 101 12.92 10.38 -4.71
C ASP A 101 11.59 10.92 -5.19
N ASP A 102 11.61 11.85 -6.10
CA ASP A 102 10.37 12.38 -6.67
C ASP A 102 9.58 11.35 -7.55
N GLU A 103 10.22 10.32 -8.12
CA GLU A 103 9.50 9.29 -8.85
C GLU A 103 8.70 8.44 -7.85
N TRP A 104 9.26 8.22 -6.68
CA TRP A 104 8.53 7.56 -5.61
C TRP A 104 7.39 8.49 -5.14
N ASN A 105 7.76 9.68 -4.71
CA ASN A 105 6.78 10.60 -4.10
C ASN A 105 5.60 10.92 -5.01
N ASP A 106 5.88 11.16 -6.29
CA ASP A 106 4.80 11.53 -7.21
C ASP A 106 3.80 10.41 -7.44
N ILE A 107 4.29 9.16 -7.47
CA ILE A 107 3.41 8.02 -7.64
C ILE A 107 2.57 7.85 -6.37
N ILE A 108 3.20 7.97 -5.21
CA ILE A 108 2.45 7.77 -3.97
C ILE A 108 1.37 8.86 -3.87
N GLU A 109 1.76 10.11 -4.14
CA GLU A 109 0.78 11.22 -4.08
C GLU A 109 -0.34 11.10 -5.11
N THR A 110 0.00 10.78 -6.33
CA THR A 110 -0.96 10.76 -7.41
C THR A 110 -1.82 9.54 -7.39
N ASN A 111 -1.25 8.37 -7.09
CA ASN A 111 -1.97 7.08 -7.18
C ASN A 111 -2.56 6.56 -5.88
N LEU A 112 -2.05 6.99 -4.73
CA LEU A 112 -2.59 6.50 -3.43
C LEU A 112 -3.23 7.62 -2.58
N SER A 113 -2.49 8.69 -2.31
CA SER A 113 -2.97 9.73 -1.40
C SER A 113 -4.19 10.45 -2.03
N SER A 114 -4.23 10.49 -3.37
CA SER A 114 -5.36 11.01 -4.11
C SER A 114 -6.67 10.30 -3.79
N VAL A 115 -6.61 9.00 -3.58
CA VAL A 115 -7.79 8.18 -3.27
C VAL A 115 -8.33 8.55 -1.89
N PHE A 116 -7.43 8.77 -0.92
CA PHE A 116 -7.83 9.35 0.36
C PHE A 116 -8.49 10.75 0.22
N ARG A 117 -7.86 11.67 -0.48
CA ARG A 117 -8.40 13.04 -0.53
C ARG A 117 -9.76 13.05 -1.23
N LEU A 118 -9.89 12.34 -2.34
CA LEU A 118 -11.14 12.37 -3.09
C LEU A 118 -12.28 11.68 -2.34
N SER A 119 -11.94 10.55 -1.72
CA SER A 119 -12.93 9.79 -0.97
C SER A 119 -13.42 10.63 0.19
N LYS A 120 -12.51 11.27 0.92
CA LYS A 120 -12.88 12.14 2.02
C LYS A 120 -13.79 13.30 1.56
N ALA A 121 -13.52 13.83 0.37
CA ALA A 121 -14.23 14.99 -0.13
C ALA A 121 -15.67 14.67 -0.56
N VAL A 122 -15.98 13.43 -0.91
CA VAL A 122 -17.34 13.06 -1.35
C VAL A 122 -18.17 12.34 -0.27
N MET A 123 -17.50 11.92 0.80
CA MET A 123 -18.09 10.96 1.73
CA MET A 123 -18.10 10.95 1.73
C MET A 123 -19.26 11.50 2.54
N ARG A 124 -19.17 12.75 2.96
CA ARG A 124 -20.19 13.33 3.86
C ARG A 124 -21.58 13.29 3.21
N ALA A 125 -21.65 13.72 1.95
CA ALA A 125 -22.94 13.74 1.22
C ALA A 125 -23.48 12.32 0.99
N MET A 126 -22.57 11.35 0.75
CA MET A 126 -22.99 9.94 0.65
C MET A 126 -23.56 9.41 1.98
N MET A 127 -22.90 9.76 3.07
CA MET A 127 -23.36 9.32 4.39
C MET A 127 -24.72 9.89 4.72
N LYS A 128 -24.94 11.14 4.36
CA LYS A 128 -26.30 11.77 4.53
C LYS A 128 -27.40 11.07 3.74
N LYS A 129 -27.10 10.69 2.51
CA LYS A 129 -28.07 9.96 1.72
C LYS A 129 -28.25 8.51 2.13
N ARG A 130 -27.31 7.96 2.89
CA ARG A 130 -27.25 6.54 3.22
C ARG A 130 -27.17 5.71 1.96
N HIS A 131 -26.42 6.22 0.98
CA HIS A 131 -26.19 5.47 -0.24
C HIS A 131 -24.98 6.02 -0.96
N GLY A 132 -24.09 5.15 -1.46
CA GLY A 132 -22.90 5.65 -2.17
C GLY A 132 -22.08 4.51 -2.74
N ARG A 133 -21.26 4.84 -3.72
CA ARG A 133 -20.29 3.94 -4.34
C ARG A 133 -18.97 4.63 -4.49
N ILE A 134 -17.91 3.96 -4.01
CA ILE A 134 -16.55 4.39 -4.32
C ILE A 134 -15.89 3.18 -4.95
N ILE A 135 -15.31 3.38 -6.14
CA ILE A 135 -14.67 2.32 -6.88
C ILE A 135 -13.32 2.91 -7.34
N THR A 136 -12.26 2.19 -7.05
CA THR A 136 -10.95 2.66 -7.45
C THR A 136 -10.37 1.66 -8.42
N ILE A 137 -9.69 2.18 -9.43
CA ILE A 137 -9.02 1.31 -10.43
C ILE A 137 -7.62 0.97 -9.91
N GLY A 138 -7.42 -0.31 -9.62
CA GLY A 138 -6.18 -0.83 -9.11
C GLY A 138 -5.30 -1.32 -10.26
N SER A 139 -4.59 -2.40 -9.99
CA SER A 139 -3.80 -3.07 -11.03
C SER A 139 -3.42 -4.40 -10.57
N VAL A 140 -3.29 -5.34 -11.50
CA VAL A 140 -2.71 -6.63 -11.16
C VAL A 140 -1.36 -6.45 -10.49
N VAL A 141 -0.61 -5.38 -10.83
CA VAL A 141 0.71 -5.20 -10.28
C VAL A 141 0.65 -5.00 -8.74
N GLY A 142 -0.44 -4.41 -8.28
CA GLY A 142 -0.66 -4.23 -6.81
C GLY A 142 -0.68 -5.52 -6.01
N THR A 143 -1.07 -6.62 -6.67
CA THR A 143 -1.12 -7.91 -5.99
C THR A 143 0.07 -8.78 -6.30
N MET A 144 0.61 -8.69 -7.52
CA MET A 144 1.73 -9.55 -7.87
C MET A 144 3.10 -8.96 -7.64
N GLY A 145 3.17 -7.62 -7.61
CA GLY A 145 4.45 -6.93 -7.72
C GLY A 145 4.92 -6.94 -9.20
N ASN A 146 5.90 -6.11 -9.50
CA ASN A 146 6.54 -6.12 -10.84
C ASN A 146 7.85 -5.41 -10.76
N ALA A 147 8.92 -6.00 -11.32
CA ALA A 147 10.24 -5.42 -11.30
C ALA A 147 10.14 -4.10 -12.04
N GLY A 148 10.80 -3.08 -11.50
CA GLY A 148 10.80 -1.75 -12.04
C GLY A 148 9.57 -0.92 -11.74
N GLN A 149 8.61 -1.45 -10.97
CA GLN A 149 7.45 -0.68 -10.64
C GLN A 149 7.15 -0.73 -9.16
N ALA A 150 8.19 -0.72 -8.31
CA ALA A 150 7.93 -0.79 -6.88
C ALA A 150 7.08 0.35 -6.32
N ASN A 151 7.20 1.52 -6.90
CA ASN A 151 6.38 2.69 -6.54
C ASN A 151 4.94 2.47 -6.91
N TYR A 152 4.71 2.06 -8.16
CA TYR A 152 3.38 1.82 -8.62
C TYR A 152 2.69 0.69 -7.88
N ALA A 153 3.40 -0.41 -7.65
CA ALA A 153 2.88 -1.56 -6.89
C ALA A 153 2.54 -1.15 -5.46
N ALA A 154 3.43 -0.37 -4.84
CA ALA A 154 3.12 0.11 -3.48
C ALA A 154 1.81 0.89 -3.47
N ALA A 155 1.64 1.83 -4.44
CA ALA A 155 0.40 2.62 -4.45
C ALA A 155 -0.81 1.75 -4.73
N LYS A 156 -0.71 0.87 -5.71
CA LYS A 156 -1.86 0.06 -6.08
C LYS A 156 -2.21 -0.99 -4.99
N ALA A 157 -1.23 -1.49 -4.25
CA ALA A 157 -1.52 -2.39 -3.10
C ALA A 157 -2.09 -1.54 -1.96
N GLY A 158 -1.52 -0.36 -1.79
CA GLY A 158 -1.97 0.54 -0.72
C GLY A 158 -3.41 0.91 -0.81
N LEU A 159 -3.88 1.14 -2.04
CA LEU A 159 -5.24 1.59 -2.20
C LEU A 159 -6.22 0.51 -1.83
N ILE A 160 -5.80 -0.74 -1.91
CA ILE A 160 -6.66 -1.81 -1.41
C ILE A 160 -6.78 -1.80 0.13
N GLY A 161 -5.68 -1.62 0.81
CA GLY A 161 -5.75 -1.54 2.26
C GLY A 161 -6.62 -0.37 2.73
N PHE A 162 -6.48 0.78 2.02
CA PHE A 162 -7.30 1.97 2.26
C PHE A 162 -8.77 1.63 2.07
N SER A 163 -9.08 0.97 0.96
CA SER A 163 -10.46 0.66 0.58
C SER A 163 -11.12 -0.31 1.54
N LYS A 164 -10.40 -1.30 1.99
CA LYS A 164 -10.97 -2.23 3.04
C LYS A 164 -11.27 -1.50 4.34
N SER A 165 -10.37 -0.60 4.73
CA SER A 165 -10.61 0.16 5.98
C SER A 165 -11.81 1.11 5.85
N LEU A 166 -11.85 1.87 4.75
CA LEU A 166 -12.99 2.73 4.51
C LEU A 166 -14.29 1.92 4.40
N ALA A 167 -14.26 0.77 3.73
CA ALA A 167 -15.43 -0.07 3.62
C ALA A 167 -16.01 -0.43 4.97
N ARG A 168 -15.11 -0.75 5.89
CA ARG A 168 -15.53 -1.13 7.23
C ARG A 168 -16.19 0.02 7.95
N GLU A 169 -15.75 1.25 7.70
CA GLU A 169 -16.34 2.43 8.38
C GLU A 169 -17.74 2.77 7.88
N VAL A 170 -18.01 2.53 6.60
CA VAL A 170 -19.26 3.06 5.98
C VAL A 170 -20.23 1.99 5.51
N ALA A 171 -19.91 0.70 5.68
CA ALA A 171 -20.80 -0.40 5.20
C ALA A 171 -22.22 -0.32 5.75
N SER A 172 -22.35 0.01 7.03
CA SER A 172 -23.67 0.05 7.66
C SER A 172 -24.50 1.25 7.21
N ARG A 173 -23.90 2.23 6.55
CA ARG A 173 -24.66 3.35 5.97
C ARG A 173 -24.93 3.20 4.46
N GLY A 174 -24.86 2.01 3.93
CA GLY A 174 -25.24 1.79 2.53
C GLY A 174 -24.25 2.27 1.46
N ILE A 175 -22.99 2.46 1.84
CA ILE A 175 -21.93 2.89 0.94
C ILE A 175 -21.00 1.68 0.78
N THR A 176 -20.68 1.33 -0.47
CA THR A 176 -19.65 0.32 -0.70
C THR A 176 -18.41 0.91 -1.32
N VAL A 177 -17.29 0.25 -1.03
CA VAL A 177 -15.97 0.74 -1.45
C VAL A 177 -15.23 -0.50 -1.95
N ASN A 178 -14.85 -0.46 -3.24
CA ASN A 178 -14.35 -1.61 -3.94
C ASN A 178 -13.25 -1.23 -4.90
N VAL A 179 -12.55 -2.23 -5.33
CA VAL A 179 -11.42 -2.00 -6.29
C VAL A 179 -11.67 -2.88 -7.51
N VAL A 180 -11.43 -2.36 -8.74
CA VAL A 180 -11.35 -3.17 -9.91
C VAL A 180 -9.92 -3.21 -10.33
N ALA A 181 -9.35 -4.41 -10.49
CA ALA A 181 -7.87 -4.57 -10.81
C ALA A 181 -7.74 -5.08 -12.24
N PRO A 182 -7.44 -4.19 -13.19
CA PRO A 182 -7.24 -4.71 -14.56
C PRO A 182 -5.93 -5.45 -14.69
N GLY A 183 -5.92 -6.35 -15.67
CA GLY A 183 -4.73 -7.00 -16.20
C GLY A 183 -4.15 -6.17 -17.31
N PHE A 184 -3.87 -6.81 -18.41
CA PHE A 184 -3.26 -6.11 -19.56
CA PHE A 184 -3.22 -6.18 -19.57
C PHE A 184 -4.40 -5.75 -20.46
N ILE A 185 -4.60 -4.46 -20.63
CA ILE A 185 -5.73 -3.91 -21.36
C ILE A 185 -5.20 -3.16 -22.53
N GLU A 186 -5.93 -3.25 -23.66
CA GLU A 186 -5.50 -2.46 -24.88
C GLU A 186 -5.66 -0.99 -24.60
N THR A 187 -4.58 -0.21 -24.70
CA THR A 187 -4.56 1.23 -24.38
C THR A 187 -3.38 1.84 -25.12
N ASP A 188 -3.27 3.17 -25.11
CA ASP A 188 -2.10 3.84 -25.73
C ASP A 188 -0.79 3.24 -25.23
N MET A 189 -0.69 3.04 -23.91
CA MET A 189 0.46 2.36 -23.27
C MET A 189 0.87 1.06 -23.99
N THR A 190 -0.07 0.13 -24.10
CA THR A 190 0.18 -1.18 -24.68
C THR A 190 0.39 -1.11 -26.20
N ARG A 191 -0.27 -0.17 -26.88
CA ARG A 191 -0.04 -0.01 -28.32
C ARG A 191 1.39 0.50 -28.63
N ALA A 192 2.00 1.21 -27.68
CA ALA A 192 3.37 1.75 -27.82
C ALA A 192 4.48 0.73 -27.49
N LEU A 193 4.13 -0.45 -26.97
CA LEU A 193 5.13 -1.51 -26.77
C LEU A 193 5.58 -2.14 -28.11
N THR A 194 6.82 -2.65 -28.12
CA THR A 194 7.31 -3.56 -29.18
C THR A 194 6.45 -4.80 -29.30
N ASP A 195 6.46 -5.42 -30.48
CA ASP A 195 5.74 -6.69 -30.70
C ASP A 195 6.20 -7.78 -29.72
N GLU A 196 7.49 -7.76 -29.37
CA GLU A 196 8.10 -8.70 -28.43
C GLU A 196 7.62 -8.50 -26.98
N GLN A 197 7.52 -7.25 -26.52
CA GLN A 197 6.98 -6.99 -25.18
C GLN A 197 5.53 -7.44 -25.06
N ARG A 198 4.73 -7.18 -26.10
CA ARG A 198 3.33 -7.65 -26.15
C ARG A 198 3.23 -9.17 -26.10
N ALA A 199 3.96 -9.83 -26.98
CA ALA A 199 3.94 -11.30 -27.13
C ALA A 199 4.26 -12.02 -25.83
N GLY A 200 5.21 -11.46 -25.07
CA GLY A 200 5.64 -12.03 -23.80
C GLY A 200 4.60 -11.83 -22.71
N THR A 201 3.94 -10.68 -22.77
CA THR A 201 2.86 -10.42 -21.83
C THR A 201 1.64 -11.28 -22.20
N LEU A 202 1.27 -11.40 -23.46
CA LEU A 202 0.18 -12.32 -23.85
C LEU A 202 0.43 -13.76 -23.48
N ALA A 203 1.69 -14.19 -23.49
CA ALA A 203 1.98 -15.56 -23.09
C ALA A 203 1.60 -15.82 -21.65
N ALA A 204 1.57 -14.79 -20.80
CA ALA A 204 1.13 -14.94 -19.42
C ALA A 204 -0.41 -14.83 -19.21
N VAL A 205 -1.19 -14.73 -20.28
CA VAL A 205 -2.65 -14.52 -20.19
C VAL A 205 -3.36 -15.75 -20.81
N PRO A 206 -4.01 -16.58 -19.95
CA PRO A 206 -4.75 -17.74 -20.47
C PRO A 206 -5.75 -17.41 -21.61
N ALA A 207 -6.50 -16.33 -21.45
CA ALA A 207 -7.46 -15.88 -22.47
C ALA A 207 -6.77 -15.65 -23.85
N GLY A 208 -5.46 -15.33 -23.89
CA GLY A 208 -4.74 -15.26 -25.14
C GLY A 208 -5.00 -13.97 -25.88
N ARG A 209 -5.54 -12.97 -25.18
CA ARG A 209 -5.77 -11.66 -25.77
C ARG A 209 -5.69 -10.59 -24.68
N LEU A 210 -5.51 -9.35 -25.10
CA LEU A 210 -5.62 -8.23 -24.20
C LEU A 210 -7.09 -7.98 -23.90
N GLY A 211 -7.34 -7.42 -22.74
CA GLY A 211 -8.70 -6.97 -22.35
C GLY A 211 -9.01 -5.65 -23.02
N THR A 212 -10.29 -5.25 -23.02
CA THR A 212 -10.65 -3.97 -23.58
C THR A 212 -11.01 -3.00 -22.48
N PRO A 213 -10.88 -1.70 -22.77
CA PRO A 213 -11.42 -0.75 -21.77
C PRO A 213 -12.87 -1.00 -21.38
N ASN A 214 -13.71 -1.38 -22.34
CA ASN A 214 -15.12 -1.63 -22.05
C ASN A 214 -15.36 -2.79 -21.09
N GLU A 215 -14.43 -3.74 -21.09
CA GLU A 215 -14.48 -4.87 -20.14
C GLU A 215 -14.23 -4.39 -18.70
N ILE A 216 -13.34 -3.43 -18.53
CA ILE A 216 -13.12 -2.82 -17.23
C ILE A 216 -14.36 -2.01 -16.84
N ALA A 217 -14.89 -1.23 -17.81
CA ALA A 217 -16.07 -0.43 -17.56
C ALA A 217 -17.27 -1.25 -17.13
N SER A 218 -17.44 -2.44 -17.74
CA SER A 218 -18.56 -3.30 -17.35
C SER A 218 -18.44 -3.73 -15.90
N ALA A 219 -17.22 -4.01 -15.44
CA ALA A 219 -17.05 -4.48 -14.05
C ALA A 219 -17.32 -3.32 -13.11
N VAL A 220 -16.83 -2.13 -13.46
CA VAL A 220 -17.08 -0.95 -12.65
C VAL A 220 -18.61 -0.69 -12.52
N ALA A 221 -19.27 -0.73 -13.67
CA ALA A 221 -20.74 -0.47 -13.70
C ALA A 221 -21.51 -1.50 -12.90
N PHE A 222 -21.06 -2.74 -12.89
CA PHE A 222 -21.70 -3.75 -12.02
C PHE A 222 -21.56 -3.32 -10.54
N LEU A 223 -20.35 -3.06 -10.11
CA LEU A 223 -20.12 -2.68 -8.71
C LEU A 223 -20.83 -1.38 -8.30
N ALA A 224 -20.94 -0.46 -9.24
CA ALA A 224 -21.62 0.83 -8.96
C ALA A 224 -23.11 0.69 -8.86
N SER A 225 -23.67 -0.42 -9.35
CA SER A 225 -25.12 -0.63 -9.39
C SER A 225 -25.71 -1.08 -8.08
N ASP A 226 -27.04 -0.96 -7.98
CA ASP A 226 -27.80 -1.51 -6.85
C ASP A 226 -27.80 -3.02 -6.72
N GLU A 227 -27.36 -3.72 -7.74
CA GLU A 227 -27.19 -5.15 -7.72
C GLU A 227 -25.91 -5.64 -7.04
N ALA A 228 -25.10 -4.70 -6.55
CA ALA A 228 -23.81 -5.07 -5.89
C ALA A 228 -23.77 -4.46 -4.49
N SER A 229 -24.94 -4.23 -3.87
CA SER A 229 -24.96 -3.57 -2.53
CA SER A 229 -24.98 -3.58 -2.54
C SER A 229 -24.41 -4.45 -1.41
N TYR A 230 -24.29 -5.78 -1.61
CA TYR A 230 -23.65 -6.65 -0.62
C TYR A 230 -22.17 -6.97 -0.93
N ILE A 231 -21.54 -6.23 -1.85
CA ILE A 231 -20.14 -6.42 -2.18
C ILE A 231 -19.42 -5.17 -1.71
N THR A 232 -18.53 -5.33 -0.73
CA THR A 232 -17.73 -4.27 -0.21
C THR A 232 -16.41 -4.76 0.33
N GLY A 233 -15.39 -3.90 0.15
CA GLY A 233 -14.02 -4.19 0.50
C GLY A 233 -13.42 -5.23 -0.40
N GLU A 234 -13.96 -5.40 -1.60
CA GLU A 234 -13.51 -6.46 -2.48
C GLU A 234 -12.70 -5.95 -3.65
N THR A 235 -11.92 -6.85 -4.23
CA THR A 235 -11.05 -6.51 -5.39
C THR A 235 -11.53 -7.45 -6.49
N LEU A 236 -12.04 -6.88 -7.58
CA LEU A 236 -12.48 -7.65 -8.73
C LEU A 236 -11.37 -7.64 -9.80
N HIS A 237 -10.82 -8.80 -10.06
CA HIS A 237 -9.67 -8.95 -10.94
C HIS A 237 -10.22 -9.23 -12.34
N VAL A 238 -9.83 -8.40 -13.31
CA VAL A 238 -10.37 -8.53 -14.65
C VAL A 238 -9.10 -8.61 -15.55
N ASN A 239 -8.64 -9.82 -15.74
CA ASN A 239 -7.26 -10.02 -16.33
C ASN A 239 -7.08 -11.21 -17.19
N GLY A 240 -8.16 -11.80 -17.65
CA GLY A 240 -8.12 -12.93 -18.56
C GLY A 240 -7.44 -14.18 -18.00
N GLY A 241 -7.40 -14.29 -16.67
CA GLY A 241 -6.79 -15.39 -15.96
C GLY A 241 -5.28 -15.19 -15.73
N MET A 242 -4.73 -14.05 -16.08
CA MET A 242 -3.33 -13.74 -15.77
C MET A 242 -2.98 -13.90 -14.28
N TYR A 243 -3.92 -13.60 -13.42
CA TYR A 243 -3.75 -13.81 -12.00
CA TYR A 243 -3.74 -13.79 -11.98
C TYR A 243 -5.07 -14.21 -11.41
N MET A 244 -5.08 -15.38 -10.78
CA MET A 244 -6.27 -15.96 -10.21
C MET A 244 -6.19 -15.94 -8.70
N VAL A 245 -7.07 -15.21 -8.06
CA VAL A 245 -7.04 -15.14 -6.58
C VAL A 245 -8.09 -16.08 -6.09
N MET B 2 26.23 -20.85 15.09
N MET B 2 21.00 -21.47 11.43
CA MET B 2 25.42 -19.59 15.20
CA MET B 2 20.44 -20.57 12.51
C MET B 2 25.11 -18.95 13.84
C MET B 2 21.39 -19.42 12.89
N SER B 3 23.82 -18.74 13.59
N SER B 3 22.57 -19.37 12.25
CA SER B 3 23.34 -18.33 12.28
CA SER B 3 23.66 -18.42 12.63
C SER B 3 23.94 -17.04 11.78
C SER B 3 23.66 -17.05 11.91
N PHE B 4 24.08 -16.03 12.65
CA PHE B 4 24.34 -14.68 12.14
C PHE B 4 25.74 -14.18 12.45
N GLU B 5 26.66 -15.11 12.68
CA GLU B 5 28.03 -14.73 13.05
C GLU B 5 28.60 -13.93 11.87
N GLY B 6 29.19 -12.80 12.19
CA GLY B 6 29.74 -11.92 11.22
C GLY B 6 28.81 -10.97 10.50
N LYS B 7 27.49 -11.02 10.81
CA LYS B 7 26.54 -10.20 10.14
C LYS B 7 26.24 -8.95 10.94
N ILE B 8 25.90 -7.90 10.20
CA ILE B 8 25.53 -6.63 10.75
C ILE B 8 24.06 -6.47 10.41
N ALA B 9 23.24 -6.30 11.46
CA ALA B 9 21.85 -6.03 11.28
C ALA B 9 21.49 -4.61 11.71
N LEU B 10 20.61 -3.97 10.96
CA LEU B 10 20.05 -2.67 11.35
C LEU B 10 18.57 -2.90 11.59
N VAL B 11 18.13 -2.62 12.82
CA VAL B 11 16.73 -2.78 13.25
C VAL B 11 16.20 -1.39 13.61
N THR B 12 15.32 -0.85 12.77
CA THR B 12 14.76 0.46 13.01
C THR B 12 13.69 0.34 14.10
N GLY B 13 13.61 1.30 15.01
CA GLY B 13 12.61 1.26 16.06
C GLY B 13 12.80 0.11 17.07
N ALA B 14 13.96 0.06 17.67
CA ALA B 14 14.36 -1.01 18.54
C ALA B 14 14.27 -0.72 20.04
N SER B 15 13.53 0.33 20.43
CA SER B 15 13.48 0.74 21.83
C SER B 15 12.87 -0.29 22.77
N ARG B 16 11.82 -0.92 22.30
CA ARG B 16 10.99 -1.75 23.16
C ARG B 16 10.22 -2.77 22.34
N GLY B 17 9.46 -3.62 23.04
CA GLY B 17 8.52 -4.51 22.40
C GLY B 17 9.11 -5.32 21.26
N ILE B 18 8.46 -5.35 20.13
CA ILE B 18 8.87 -6.18 18.99
C ILE B 18 10.26 -5.81 18.50
N GLY B 19 10.54 -4.51 18.32
CA GLY B 19 11.88 -4.15 17.79
C GLY B 19 13.03 -4.54 18.73
N ARG B 20 12.86 -4.36 20.04
CA ARG B 20 13.85 -4.82 21.01
C ARG B 20 14.02 -6.33 20.97
N ALA B 21 12.90 -7.08 20.90
CA ALA B 21 12.99 -8.54 20.89
C ALA B 21 13.73 -9.02 19.63
N ILE B 22 13.48 -8.38 18.52
CA ILE B 22 14.19 -8.65 17.28
C ILE B 22 15.68 -8.40 17.44
N ALA B 23 16.03 -7.23 17.96
CA ALA B 23 17.47 -6.91 18.19
C ALA B 23 18.13 -7.93 19.08
N GLU B 24 17.48 -8.23 20.21
CA GLU B 24 18.07 -9.20 21.17
C GLU B 24 18.22 -10.59 20.59
N THR B 25 17.25 -11.04 19.82
CA THR B 25 17.29 -12.35 19.19
C THR B 25 18.45 -12.48 18.15
N LEU B 26 18.60 -11.46 17.33
CA LEU B 26 19.70 -11.44 16.36
C LEU B 26 21.06 -11.42 17.10
N VAL B 27 21.18 -10.66 18.19
CA VAL B 27 22.39 -10.71 19.05
C VAL B 27 22.63 -12.13 19.54
N ALA B 28 21.60 -12.75 20.09
CA ALA B 28 21.74 -14.06 20.69
C ALA B 28 22.20 -15.07 19.65
N ARG B 29 21.94 -14.81 18.38
CA ARG B 29 22.38 -15.75 17.34
C ARG B 29 23.63 -15.32 16.58
N GLY B 30 24.35 -14.34 17.13
CA GLY B 30 25.67 -13.99 16.65
C GLY B 30 25.80 -12.68 15.93
N ALA B 31 24.73 -11.95 15.67
CA ALA B 31 24.83 -10.70 14.89
C ALA B 31 25.35 -9.55 15.73
N LYS B 32 25.99 -8.57 15.09
CA LYS B 32 26.16 -7.24 15.65
C LYS B 32 24.95 -6.40 15.24
N VAL B 33 24.28 -5.78 16.21
CA VAL B 33 23.02 -5.09 15.92
C VAL B 33 23.13 -3.61 16.15
N ILE B 34 22.68 -2.83 15.16
CA ILE B 34 22.42 -1.42 15.32
C ILE B 34 20.89 -1.18 15.42
N GLY B 35 20.46 -0.76 16.59
CA GLY B 35 19.06 -0.50 16.90
C GLY B 35 18.84 1.01 16.91
N THR B 36 17.68 1.48 16.41
CA THR B 36 17.44 2.91 16.39
C THR B 36 16.21 3.35 17.22
N ALA B 37 16.29 4.62 17.63
CA ALA B 37 15.22 5.33 18.28
C ALA B 37 15.15 6.74 17.69
N THR B 38 14.08 7.48 17.99
CA THR B 38 13.93 8.82 17.45
C THR B 38 14.57 9.92 18.29
N SER B 39 15.12 9.61 19.46
CA SER B 39 15.77 10.60 20.34
C SER B 39 17.14 10.10 20.78
N GLU B 40 17.96 11.01 21.25
CA GLU B 40 19.32 10.69 21.72
C GLU B 40 19.36 9.87 23.02
N SER B 41 18.33 10.04 23.86
CA SER B 41 18.20 9.25 25.08
C SER B 41 17.69 7.86 24.76
N GLY B 42 16.72 7.76 23.86
CA GLY B 42 16.27 6.45 23.37
C GLY B 42 17.41 5.64 22.75
N ALA B 43 18.24 6.28 21.95
CA ALA B 43 19.37 5.62 21.33
C ALA B 43 20.36 5.15 22.41
N GLN B 44 20.56 5.97 23.45
CA GLN B 44 21.46 5.56 24.50
C GLN B 44 20.91 4.35 25.28
N ALA B 45 19.60 4.30 25.49
CA ALA B 45 18.98 3.16 26.19
C ALA B 45 19.15 1.86 25.35
N ILE B 46 19.12 2.00 24.02
CA ILE B 46 19.41 0.84 23.14
C ILE B 46 20.88 0.41 23.28
N SER B 47 21.80 1.35 23.25
CA SER B 47 23.22 1.04 23.50
C SER B 47 23.39 0.32 24.84
N ASP B 48 22.66 0.75 25.86
CA ASP B 48 22.77 0.12 27.22
C ASP B 48 22.36 -1.37 27.19
N TYR B 49 21.27 -1.73 26.52
CA TYR B 49 20.89 -3.16 26.50
C TYR B 49 21.74 -3.96 25.50
N LEU B 50 22.22 -3.36 24.41
CA LEU B 50 23.06 -4.11 23.46
C LEU B 50 24.46 -4.34 23.95
N GLY B 51 25.01 -3.37 24.73
CA GLY B 51 26.37 -3.46 25.25
C GLY B 51 27.39 -3.67 24.14
N ALA B 52 28.24 -4.68 24.29
CA ALA B 52 29.32 -4.97 23.35
C ALA B 52 28.82 -5.56 22.04
N ASN B 53 27.55 -5.97 21.97
CA ASN B 53 27.04 -6.57 20.72
C ASN B 53 26.33 -5.62 19.78
N GLY B 54 26.45 -4.32 19.99
CA GLY B 54 25.96 -3.37 19.00
C GLY B 54 25.95 -1.96 19.53
N LYS B 55 25.03 -1.16 18.99
CA LYS B 55 24.90 0.22 19.34
C LYS B 55 23.51 0.74 19.02
N GLY B 56 23.10 1.74 19.79
CA GLY B 56 21.90 2.53 19.50
C GLY B 56 22.24 3.83 18.77
N LEU B 57 21.41 4.21 17.79
CA LEU B 57 21.57 5.50 17.11
C LEU B 57 20.23 6.16 16.93
N MET B 58 20.26 7.48 16.85
CA MET B 58 19.06 8.26 16.58
C MET B 58 18.81 8.27 15.09
N LEU B 59 17.62 7.85 14.68
CA LEU B 59 17.24 7.78 13.26
C LEU B 59 15.81 8.22 13.15
N ASN B 60 15.57 9.11 12.20
CA ASN B 60 14.24 9.49 11.78
C ASN B 60 14.13 8.99 10.33
N VAL B 61 13.30 7.98 10.16
CA VAL B 61 13.17 7.32 8.84
C VAL B 61 12.43 8.17 7.80
N THR B 62 11.92 9.33 8.20
CA THR B 62 11.31 10.28 7.24
C THR B 62 12.28 11.30 6.74
N ASP B 63 13.48 11.32 7.28
CA ASP B 63 14.41 12.38 6.97
C ASP B 63 15.62 11.78 6.26
N PRO B 64 15.78 12.06 4.95
CA PRO B 64 16.95 11.48 4.24
C PRO B 64 18.32 11.85 4.81
N ALA B 65 18.47 13.01 5.43
CA ALA B 65 19.75 13.37 6.02
C ALA B 65 20.06 12.48 7.22
N SER B 66 19.03 12.16 8.03
CA SER B 66 19.18 11.25 9.17
C SER B 66 19.56 9.84 8.66
N ILE B 67 18.92 9.38 7.60
CA ILE B 67 19.20 8.04 7.05
C ILE B 67 20.67 7.98 6.63
N GLU B 68 21.11 8.99 5.89
CA GLU B 68 22.47 8.98 5.40
C GLU B 68 23.50 9.05 6.55
N SER B 69 23.24 9.89 7.55
CA SER B 69 24.13 10.00 8.68
C SER B 69 24.24 8.70 9.49
N VAL B 70 23.12 8.05 9.72
CA VAL B 70 23.11 6.76 10.41
C VAL B 70 23.85 5.70 9.65
N LEU B 71 23.61 5.57 8.36
CA LEU B 71 24.32 4.55 7.59
C LEU B 71 25.82 4.80 7.47
N GLU B 72 26.22 6.06 7.34
CA GLU B 72 27.67 6.38 7.38
C GLU B 72 28.32 5.97 8.71
N ASN B 73 27.60 6.20 9.81
CA ASN B 73 28.08 5.81 11.15
C ASN B 73 28.20 4.29 11.26
N VAL B 74 27.17 3.57 10.82
CA VAL B 74 27.18 2.11 10.79
C VAL B 74 28.38 1.61 9.99
N ARG B 75 28.54 2.16 8.78
CA ARG B 75 29.65 1.73 7.90
C ARG B 75 31.05 1.97 8.50
N ALA B 76 31.24 3.08 9.21
CA ALA B 76 32.54 3.39 9.81
C ALA B 76 32.86 2.47 10.97
N GLU B 77 31.87 2.21 11.82
CA GLU B 77 32.09 1.47 13.08
C GLU B 77 31.99 -0.04 12.95
N PHE B 78 31.01 -0.51 12.16
CA PHE B 78 30.75 -1.95 12.01
C PHE B 78 30.99 -2.51 10.61
N GLY B 79 30.50 -1.82 9.59
CA GLY B 79 30.64 -2.31 8.22
C GLY B 79 29.30 -2.20 7.55
N GLU B 80 29.15 -2.97 6.47
CA GLU B 80 27.93 -2.85 5.67
C GLU B 80 26.78 -3.62 6.28
N VAL B 81 25.56 -3.11 6.08
CA VAL B 81 24.40 -3.79 6.55
C VAL B 81 24.12 -5.10 5.75
N ASP B 82 24.02 -6.22 6.44
CA ASP B 82 23.65 -7.53 5.83
C ASP B 82 22.13 -7.84 5.97
N ILE B 83 21.52 -7.33 7.04
CA ILE B 83 20.16 -7.64 7.43
C ILE B 83 19.49 -6.31 7.79
N LEU B 84 18.46 -5.94 7.05
CA LEU B 84 17.67 -4.75 7.41
C LEU B 84 16.34 -5.19 7.90
N VAL B 85 15.96 -4.74 9.10
CA VAL B 85 14.63 -5.03 9.67
C VAL B 85 13.92 -3.68 9.87
N ASN B 86 12.91 -3.45 9.04
CA ASN B 86 12.13 -2.20 9.07
C ASN B 86 10.98 -2.41 10.08
N ASN B 87 11.22 -2.03 11.34
CA ASN B 87 10.22 -2.08 12.43
C ASN B 87 9.63 -0.76 12.82
N ALA B 88 10.25 0.33 12.45
CA ALA B 88 9.74 1.67 12.78
C ALA B 88 8.36 1.87 12.20
N GLY B 89 7.47 2.44 12.99
CA GLY B 89 6.06 2.47 12.59
C GLY B 89 5.30 3.26 13.65
N ILE B 90 4.28 3.96 13.21
CA ILE B 90 3.43 4.76 14.10
C ILE B 90 1.97 4.59 13.65
N THR B 91 1.06 4.94 14.54
CA THR B 91 -0.34 5.04 14.17
C THR B 91 -0.81 6.40 14.55
N ARG B 92 -1.70 6.95 13.74
CA ARG B 92 -2.45 8.18 14.04
C ARG B 92 -3.87 7.94 13.52
N ASP B 93 -4.66 7.33 14.38
CA ASP B 93 -5.99 6.83 14.00
C ASP B 93 -7.02 7.89 13.97
N ASN B 94 -7.99 7.73 13.06
CA ASN B 94 -9.20 8.57 13.02
C ASN B 94 -10.12 8.00 11.93
N LEU B 95 -11.43 8.10 12.15
CA LEU B 95 -12.37 7.85 11.06
C LEU B 95 -12.10 8.84 9.90
N LEU B 96 -12.40 8.43 8.67
CA LEU B 96 -12.00 9.22 7.50
C LEU B 96 -12.31 10.69 7.60
N MET B 97 -13.53 11.03 7.98
CA MET B 97 -13.91 12.45 8.05
C MET B 97 -13.15 13.26 9.06
N ARG B 98 -12.59 12.61 10.08
CA ARG B 98 -11.81 13.34 11.08
C ARG B 98 -10.30 13.27 10.77
N MET B 99 -9.90 12.47 9.77
CA MET B 99 -8.48 12.25 9.52
C MET B 99 -7.85 13.45 8.80
N LYS B 100 -6.93 14.13 9.47
CA LYS B 100 -6.26 15.30 8.92
C LYS B 100 -5.26 14.88 7.87
N ASP B 101 -4.98 15.80 6.96
CA ASP B 101 -3.95 15.58 5.95
C ASP B 101 -2.62 15.19 6.51
N ASP B 102 -2.17 15.85 7.56
CA ASP B 102 -0.90 15.46 8.17
C ASP B 102 -0.94 14.06 8.89
N GLU B 103 -2.11 13.62 9.36
CA GLU B 103 -2.21 12.29 9.96
C GLU B 103 -2.05 11.21 8.87
N TRP B 104 -2.57 11.49 7.70
CA TRP B 104 -2.39 10.61 6.55
C TRP B 104 -0.93 10.65 6.14
N ASN B 105 -0.42 11.84 5.85
CA ASN B 105 0.96 11.96 5.36
C ASN B 105 1.99 11.38 6.29
N ASP B 106 1.88 11.63 7.58
CA ASP B 106 2.89 11.12 8.56
C ASP B 106 2.95 9.60 8.56
N ILE B 107 1.79 8.95 8.46
CA ILE B 107 1.77 7.50 8.45
C ILE B 107 2.35 6.99 7.13
N ILE B 108 1.99 7.60 6.02
CA ILE B 108 2.50 7.12 4.74
C ILE B 108 4.03 7.31 4.73
N GLU B 109 4.51 8.48 5.16
CA GLU B 109 5.95 8.69 5.23
C GLU B 109 6.70 7.77 6.16
N THR B 110 6.18 7.62 7.36
CA THR B 110 6.83 6.85 8.41
C THR B 110 6.73 5.36 8.16
N ASN B 111 5.58 4.85 7.72
CA ASN B 111 5.33 3.42 7.64
C ASN B 111 5.50 2.82 6.22
N LEU B 112 5.45 3.62 5.15
CA LEU B 112 5.58 3.07 3.77
C LEU B 112 6.82 3.66 3.03
N SER B 113 6.95 4.97 2.94
CA SER B 113 8.02 5.56 2.17
C SER B 113 9.38 5.26 2.83
N SER B 114 9.36 5.10 4.15
CA SER B 114 10.55 4.69 4.90
C SER B 114 11.14 3.38 4.41
N VAL B 115 10.26 2.44 4.01
CA VAL B 115 10.69 1.13 3.51
C VAL B 115 11.43 1.27 2.19
N PHE B 116 10.91 2.12 1.31
CA PHE B 116 11.65 2.53 0.10
C PHE B 116 13.01 3.16 0.41
N ARG B 117 13.07 4.18 1.27
CA ARG B 117 14.31 4.88 1.49
C ARG B 117 15.38 3.97 2.10
N LEU B 118 15.00 3.19 3.09
CA LEU B 118 16.01 2.38 3.77
C LEU B 118 16.45 1.20 2.90
N SER B 119 15.50 0.63 2.15
CA SER B 119 15.83 -0.50 1.29
C SER B 119 16.78 -0.02 0.20
N LYS B 120 16.49 1.15 -0.38
CA LYS B 120 17.38 1.74 -1.38
C LYS B 120 18.78 2.01 -0.83
N ALA B 121 18.84 2.45 0.41
CA ALA B 121 20.10 2.85 1.04
C ALA B 121 21.01 1.68 1.36
N VAL B 122 20.47 0.49 1.55
CA VAL B 122 21.29 -0.70 1.90
C VAL B 122 21.56 -1.64 0.72
N MET B 123 20.82 -1.43 -0.36
CA MET B 123 20.74 -2.45 -1.41
CA MET B 123 20.72 -2.33 -1.50
C MET B 123 22.03 -2.67 -2.18
N ARG B 124 22.76 -1.61 -2.46
CA ARG B 124 23.96 -1.71 -3.31
C ARG B 124 24.99 -2.61 -2.65
N ALA B 125 25.23 -2.42 -1.36
CA ALA B 125 26.21 -3.25 -0.63
C ALA B 125 25.74 -4.71 -0.52
N MET B 126 24.44 -4.96 -0.38
CA MET B 126 23.90 -6.34 -0.43
C MET B 126 24.13 -6.97 -1.82
N MET B 127 23.93 -6.19 -2.88
CA MET B 127 24.16 -6.69 -4.22
C MET B 127 25.62 -7.07 -4.43
N LYS B 128 26.52 -6.23 -3.94
CA LYS B 128 27.98 -6.55 -3.97
C LYS B 128 28.36 -7.84 -3.22
N LYS B 129 27.75 -8.05 -2.05
CA LYS B 129 27.98 -9.28 -1.28
C LYS B 129 27.34 -10.51 -1.87
N ARG B 130 26.36 -10.30 -2.78
CA ARG B 130 25.55 -11.37 -3.34
C ARG B 130 24.80 -12.07 -2.29
N HIS B 131 24.40 -11.34 -1.25
CA HIS B 131 23.66 -11.93 -0.15
C HIS B 131 23.04 -10.79 0.64
N GLY B 132 21.77 -10.93 1.01
CA GLY B 132 21.10 -9.90 1.78
C GLY B 132 19.74 -10.33 2.28
N ARG B 133 19.29 -9.66 3.35
CA ARG B 133 17.94 -9.86 3.86
C ARG B 133 17.33 -8.52 4.15
N ILE B 134 16.11 -8.32 3.64
CA ILE B 134 15.26 -7.20 4.04
C ILE B 134 13.97 -7.81 4.55
N ILE B 135 13.62 -7.46 5.78
CA ILE B 135 12.40 -7.94 6.42
C ILE B 135 11.72 -6.67 6.92
N THR B 136 10.45 -6.52 6.60
CA THR B 136 9.70 -5.38 7.12
C THR B 136 8.60 -5.95 8.02
N ILE B 137 8.34 -5.24 9.09
CA ILE B 137 7.24 -5.62 10.00
C ILE B 137 5.94 -4.95 9.48
N GLY B 138 5.01 -5.81 9.07
CA GLY B 138 3.69 -5.45 8.53
C GLY B 138 2.67 -5.38 9.65
N SER B 139 1.44 -5.71 9.30
CA SER B 139 0.37 -5.86 10.29
C SER B 139 -0.74 -6.60 9.65
N VAL B 140 -1.45 -7.38 10.44
CA VAL B 140 -2.69 -7.98 9.98
C VAL B 140 -3.62 -6.90 9.39
N VAL B 141 -3.56 -5.65 9.88
CA VAL B 141 -4.46 -4.63 9.40
C VAL B 141 -4.21 -4.32 7.89
N GLY B 142 -2.99 -4.50 7.46
CA GLY B 142 -2.61 -4.35 6.01
C GLY B 142 -3.37 -5.29 5.08
N THR B 143 -3.83 -6.43 5.61
CA THR B 143 -4.55 -7.40 4.82
C THR B 143 -6.03 -7.35 5.10
N MET B 144 -6.44 -7.07 6.34
CA MET B 144 -7.87 -7.07 6.65
C MET B 144 -8.56 -5.73 6.51
N GLY B 145 -7.77 -4.66 6.68
CA GLY B 145 -8.33 -3.34 6.88
C GLY B 145 -8.81 -3.20 8.34
N ASN B 146 -9.02 -1.97 8.77
CA ASN B 146 -9.61 -1.71 10.10
C ASN B 146 -10.21 -0.32 10.14
N ALA B 147 -11.44 -0.18 10.69
CA ALA B 147 -12.10 1.09 10.74
C ALA B 147 -11.25 2.02 11.60
N GLY B 148 -11.11 3.27 11.18
CA GLY B 148 -10.30 4.27 11.88
C GLY B 148 -8.82 4.19 11.61
N GLN B 149 -8.36 3.23 10.78
CA GLN B 149 -6.95 3.10 10.48
C GLN B 149 -6.69 3.02 9.00
N ALA B 150 -7.46 3.77 8.20
CA ALA B 150 -7.22 3.67 6.73
C ALA B 150 -5.82 4.10 6.30
N ASN B 151 -5.21 5.06 7.03
CA ASN B 151 -3.83 5.46 6.78
C ASN B 151 -2.86 4.33 7.05
N TYR B 152 -3.02 3.73 8.21
CA TYR B 152 -2.16 2.62 8.62
C TYR B 152 -2.31 1.41 7.71
N ALA B 153 -3.54 1.06 7.38
CA ALA B 153 -3.83 -0.08 6.47
C ALA B 153 -3.24 0.20 5.08
N ALA B 154 -3.41 1.41 4.60
CA ALA B 154 -2.81 1.77 3.31
C ALA B 154 -1.30 1.54 3.36
N ALA B 155 -0.63 2.05 4.39
CA ALA B 155 0.81 1.89 4.44
C ALA B 155 1.23 0.44 4.58
N LYS B 156 0.56 -0.31 5.48
CA LYS B 156 0.95 -1.67 5.68
C LYS B 156 0.63 -2.60 4.48
N ALA B 157 -0.41 -2.29 3.70
CA ALA B 157 -0.69 -3.03 2.46
C ALA B 157 0.31 -2.63 1.41
N GLY B 158 0.59 -1.33 1.40
CA GLY B 158 1.51 -0.80 0.35
C GLY B 158 2.90 -1.39 0.48
N LEU B 159 3.36 -1.62 1.70
CA LEU B 159 4.72 -2.13 1.84
C LEU B 159 4.83 -3.55 1.35
N ILE B 160 3.73 -4.29 1.31
CA ILE B 160 3.76 -5.59 0.67
C ILE B 160 3.93 -5.50 -0.87
N GLY B 161 3.20 -4.59 -1.48
CA GLY B 161 3.37 -4.39 -2.95
C GLY B 161 4.79 -3.98 -3.28
N PHE B 162 5.31 -3.07 -2.46
CA PHE B 162 6.72 -2.62 -2.61
C PHE B 162 7.68 -3.83 -2.50
N SER B 163 7.46 -4.65 -1.47
CA SER B 163 8.36 -5.78 -1.17
C SER B 163 8.33 -6.85 -2.24
N LYS B 164 7.16 -7.11 -2.83
CA LYS B 164 7.06 -8.07 -3.90
C LYS B 164 7.82 -7.59 -5.11
N SER B 165 7.69 -6.32 -5.38
CA SER B 165 8.36 -5.76 -6.59
C SER B 165 9.87 -5.77 -6.39
N LEU B 166 10.35 -5.27 -5.24
CA LEU B 166 11.76 -5.35 -4.94
C LEU B 166 12.27 -6.79 -4.94
N ALA B 167 11.52 -7.74 -4.39
CA ALA B 167 11.97 -9.09 -4.44
C ALA B 167 12.20 -9.62 -5.82
N ARG B 168 11.32 -9.23 -6.74
CA ARG B 168 11.45 -9.65 -8.10
C ARG B 168 12.73 -9.09 -8.75
N GLU B 169 13.14 -7.91 -8.35
CA GLU B 169 14.35 -7.25 -8.93
C GLU B 169 15.63 -7.90 -8.43
N VAL B 170 15.65 -8.39 -7.19
CA VAL B 170 16.92 -8.76 -6.54
C VAL B 170 17.03 -10.24 -6.17
N ALA B 171 16.02 -11.04 -6.49
CA ALA B 171 16.01 -12.49 -6.16
C ALA B 171 17.20 -13.21 -6.71
N SER B 172 17.55 -12.91 -7.96
CA SER B 172 18.65 -13.63 -8.60
C SER B 172 20.03 -13.26 -8.05
N ARG B 173 20.14 -12.21 -7.27
CA ARG B 173 21.40 -11.85 -6.59
C ARG B 173 21.50 -12.29 -5.14
N GLY B 174 20.65 -13.23 -4.72
CA GLY B 174 20.76 -13.79 -3.40
C GLY B 174 20.24 -12.90 -2.25
N ILE B 175 19.38 -11.94 -2.55
CA ILE B 175 18.76 -11.05 -1.56
C ILE B 175 17.28 -11.45 -1.52
N THR B 176 16.78 -11.69 -0.32
CA THR B 176 15.37 -11.90 -0.14
C THR B 176 14.72 -10.72 0.56
N VAL B 177 13.44 -10.54 0.23
CA VAL B 177 12.66 -9.39 0.71
C VAL B 177 11.32 -9.94 1.13
N ASN B 178 11.03 -9.83 2.42
CA ASN B 178 9.87 -10.49 3.02
C ASN B 178 9.21 -9.60 4.07
N VAL B 179 8.03 -9.99 4.43
CA VAL B 179 7.27 -9.24 5.46
C VAL B 179 6.83 -10.20 6.55
N VAL B 180 6.88 -9.79 7.80
CA VAL B 180 6.32 -10.48 8.92
C VAL B 180 5.15 -9.63 9.36
N ALA B 181 3.97 -10.26 9.46
CA ALA B 181 2.70 -9.53 9.80
C ALA B 181 2.23 -10.01 11.15
N PRO B 182 2.52 -9.28 12.23
CA PRO B 182 1.94 -9.67 13.51
C PRO B 182 0.45 -9.42 13.58
N GLY B 183 -0.19 -10.23 14.42
CA GLY B 183 -1.52 -10.03 14.95
C GLY B 183 -1.50 -9.12 16.16
N PHE B 184 -2.18 -9.53 17.23
CA PHE B 184 -2.23 -8.74 18.44
C PHE B 184 -1.09 -9.22 19.32
N ILE B 185 -0.17 -8.33 19.66
CA ILE B 185 1.01 -8.70 20.43
C ILE B 185 0.99 -7.94 21.77
N GLU B 186 1.42 -8.62 22.82
CA GLU B 186 1.46 -8.06 24.18
C GLU B 186 2.55 -7.00 24.19
N THR B 187 2.18 -5.81 24.65
CA THR B 187 3.13 -4.71 24.92
C THR B 187 2.76 -4.00 26.24
N ASP B 188 3.55 -2.99 26.61
CA ASP B 188 3.17 -2.05 27.72
C ASP B 188 1.73 -1.56 27.58
N MET B 189 1.40 -1.09 26.38
CA MET B 189 0.03 -0.66 26.01
C MET B 189 -1.06 -1.64 26.45
N THR B 190 -0.93 -2.89 25.99
CA THR B 190 -1.93 -3.91 26.24
C THR B 190 -1.92 -4.38 27.71
N ARG B 191 -0.76 -4.36 28.35
CA ARG B 191 -0.70 -4.70 29.78
C ARG B 191 -1.46 -3.68 30.66
N ALA B 192 -1.59 -2.44 30.20
CA ALA B 192 -2.37 -1.41 30.91
C ALA B 192 -3.92 -1.48 30.74
N LEU B 193 -4.43 -2.34 29.87
CA LEU B 193 -5.89 -2.39 29.59
C LEU B 193 -6.71 -3.06 30.70
N THR B 194 -7.98 -2.66 30.80
CA THR B 194 -8.99 -3.39 31.61
C THR B 194 -9.15 -4.83 31.14
N ASP B 195 -9.59 -5.71 32.05
CA ASP B 195 -9.84 -7.11 31.69
C ASP B 195 -10.90 -7.23 30.58
N GLU B 196 -11.86 -6.31 30.55
CA GLU B 196 -12.88 -6.26 29.50
C GLU B 196 -12.34 -5.87 28.11
N GLN B 197 -11.45 -4.90 28.04
CA GLN B 197 -10.79 -4.58 26.75
C GLN B 197 -9.97 -5.77 26.20
N ARG B 198 -9.25 -6.43 27.09
CA ARG B 198 -8.46 -7.64 26.75
C ARG B 198 -9.34 -8.76 26.22
N ALA B 199 -10.41 -9.07 26.96
CA ALA B 199 -11.36 -10.13 26.62
C ALA B 199 -11.93 -10.02 25.21
N GLY B 200 -12.18 -8.80 24.73
CA GLY B 200 -12.68 -8.57 23.38
C GLY B 200 -11.64 -8.80 22.31
N THR B 201 -10.39 -8.45 22.62
CA THR B 201 -9.29 -8.74 21.73
C THR B 201 -9.07 -10.27 21.67
N LEU B 202 -9.01 -10.92 22.85
CA LEU B 202 -8.82 -12.36 22.87
C LEU B 202 -9.89 -13.14 22.14
N ALA B 203 -11.13 -12.64 22.17
CA ALA B 203 -12.20 -13.33 21.48
C ALA B 203 -11.95 -13.45 20.00
N ALA B 204 -11.18 -12.54 19.40
CA ALA B 204 -10.88 -12.64 17.99
C ALA B 204 -9.72 -13.63 17.63
N VAL B 205 -9.09 -14.25 18.63
CA VAL B 205 -7.85 -15.02 18.44
C VAL B 205 -8.12 -16.47 18.83
N PRO B 206 -8.17 -17.39 17.84
CA PRO B 206 -8.31 -18.83 18.16
C PRO B 206 -7.34 -19.36 19.23
N ALA B 207 -6.06 -18.97 19.16
CA ALA B 207 -5.08 -19.35 20.20
C ALA B 207 -5.50 -18.91 21.62
N GLY B 208 -6.32 -17.86 21.75
CA GLY B 208 -6.88 -17.50 23.06
C GLY B 208 -5.88 -16.73 23.92
N ARG B 209 -4.86 -16.17 23.29
CA ARG B 209 -3.84 -15.37 23.97
C ARG B 209 -3.26 -14.34 23.01
N LEU B 210 -2.62 -13.32 23.55
CA LEU B 210 -1.87 -12.40 22.70
C LEU B 210 -0.56 -13.07 22.36
N GLY B 211 0.03 -12.63 21.27
CA GLY B 211 1.40 -13.03 20.86
C GLY B 211 2.43 -12.27 21.67
N THR B 212 3.68 -12.72 21.66
CA THR B 212 4.73 -12.05 22.41
C THR B 212 5.70 -11.43 21.40
N PRO B 213 6.39 -10.38 21.82
CA PRO B 213 7.43 -9.86 20.92
C PRO B 213 8.43 -10.91 20.46
N ASN B 214 8.81 -11.84 21.32
CA ASN B 214 9.80 -12.86 20.96
C ASN B 214 9.29 -13.80 19.86
N GLU B 215 7.96 -13.98 19.78
CA GLU B 215 7.37 -14.75 18.69
C GLU B 215 7.52 -14.08 17.35
N ILE B 216 7.43 -12.76 17.31
CA ILE B 216 7.70 -12.01 16.06
C ILE B 216 9.18 -12.11 15.78
N ALA B 217 10.01 -11.95 16.79
CA ALA B 217 11.48 -12.03 16.60
C ALA B 217 11.91 -13.38 16.05
N SER B 218 11.28 -14.47 16.50
CA SER B 218 11.62 -15.78 15.97
C SER B 218 11.31 -15.89 14.49
N ALA B 219 10.19 -15.29 14.05
CA ALA B 219 9.82 -15.36 12.63
C ALA B 219 10.80 -14.54 11.81
N VAL B 220 11.15 -13.37 12.34
CA VAL B 220 12.14 -12.51 11.65
C VAL B 220 13.46 -13.28 11.50
N ALA B 221 13.91 -13.82 12.59
CA ALA B 221 15.20 -14.55 12.59
C ALA B 221 15.19 -15.76 11.65
N PHE B 222 14.05 -16.43 11.53
CA PHE B 222 13.95 -17.51 10.54
C PHE B 222 14.17 -16.96 9.12
N LEU B 223 13.41 -15.92 8.77
CA LEU B 223 13.51 -15.35 7.42
C LEU B 223 14.94 -14.76 7.16
N ALA B 224 15.57 -14.21 8.19
CA ALA B 224 16.89 -13.62 8.03
C ALA B 224 17.99 -14.65 7.88
N SER B 225 17.69 -15.90 8.24
CA SER B 225 18.70 -16.98 8.23
C SER B 225 18.92 -17.57 6.83
N ASP B 226 20.00 -18.34 6.72
CA ASP B 226 20.30 -19.10 5.51
C ASP B 226 19.36 -20.28 5.25
N GLU B 227 18.53 -20.61 6.21
CA GLU B 227 17.48 -21.60 6.03
C GLU B 227 16.22 -21.07 5.36
N ALA B 228 16.23 -19.81 4.96
CA ALA B 228 15.04 -19.22 4.28
C ALA B 228 15.46 -18.60 2.96
N SER B 229 16.52 -19.13 2.33
CA SER B 229 17.03 -18.47 1.09
CA SER B 229 17.04 -18.51 1.09
CA SER B 229 17.06 -18.53 1.08
C SER B 229 16.10 -18.63 -0.12
N TYR B 230 15.19 -19.61 -0.11
CA TYR B 230 14.22 -19.80 -1.17
C TYR B 230 12.83 -19.16 -0.84
N ILE B 231 12.75 -18.32 0.19
CA ILE B 231 11.50 -17.59 0.54
C ILE B 231 11.73 -16.14 0.23
N THR B 232 10.99 -15.63 -0.76
CA THR B 232 11.06 -14.21 -1.08
C THR B 232 9.73 -13.72 -1.65
N GLY B 233 9.46 -12.47 -1.31
CA GLY B 233 8.22 -11.82 -1.69
C GLY B 233 7.05 -12.33 -0.86
N GLU B 234 7.33 -12.96 0.28
CA GLU B 234 6.29 -13.56 1.07
C GLU B 234 5.91 -12.77 2.31
N THR B 235 4.70 -13.04 2.81
CA THR B 235 4.18 -12.43 4.05
C THR B 235 3.94 -13.57 4.99
N LEU B 236 4.65 -13.56 6.10
CA LEU B 236 4.48 -14.53 7.17
C LEU B 236 3.61 -13.94 8.27
N HIS B 237 2.45 -14.54 8.45
CA HIS B 237 1.39 -14.07 9.34
C HIS B 237 1.59 -14.73 10.69
N VAL B 238 1.76 -13.94 11.76
CA VAL B 238 2.05 -14.50 13.07
C VAL B 238 0.96 -13.93 13.98
N ASN B 239 -0.17 -14.64 14.08
CA ASN B 239 -1.37 -13.99 14.68
C ASN B 239 -2.30 -14.92 15.44
N GLY B 240 -1.81 -16.11 15.75
CA GLY B 240 -2.59 -17.05 16.56
C GLY B 240 -3.85 -17.52 15.88
N GLY B 241 -3.90 -17.46 14.55
CA GLY B 241 -5.06 -17.83 13.77
C GLY B 241 -6.12 -16.73 13.62
N MET B 242 -5.85 -15.53 14.14
CA MET B 242 -6.77 -14.37 13.90
C MET B 242 -7.08 -14.13 12.44
N TYR B 243 -6.12 -14.38 11.57
CA TYR B 243 -6.33 -14.28 10.14
CA TYR B 243 -6.33 -14.26 10.13
C TYR B 243 -5.52 -15.32 9.44
N MET B 244 -6.21 -16.17 8.67
CA MET B 244 -5.58 -17.30 8.00
C MET B 244 -5.61 -17.05 6.49
N VAL B 245 -4.46 -16.97 5.89
CA VAL B 245 -4.34 -16.75 4.47
C VAL B 245 -4.06 -18.07 3.85
#